data_7MZ8
#
_entry.id   7MZ8
#
_cell.length_a   54.498
_cell.length_b   78.827
_cell.length_c   54.578
_cell.angle_alpha   90.000
_cell.angle_beta   108.070
_cell.angle_gamma   90.000
#
_symmetry.space_group_name_H-M   'P 1 21 1'
#
loop_
_entity.id
_entity.type
_entity.pdbx_description
1 polymer 'DNA polymerase beta'
2 polymer "DNA (5'-D(*CP*CP*GP*AP*CP*GP*(DZM)P*CP*GP*CP*AP*TP*CP*AP*GP*C)-3')"
3 polymer "DNA (5'-D(*GP*CP*TP*GP*AP*TP*GP*CP*GP*T)-3')"
4 polymer "DNA (5'-D(P*GP*TP*CP*GP*G)-3')"
5 non-polymer 'MAGNESIUM ION'
6 non-polymer 'SODIUM ION'
7 non-polymer "2'-deoxy-5'-O-[(R)-hydroxy{[(R)-hydroxy(phosphonooxy)phosphoryl]amino}phosphoryl]cytidine"
8 water water
#
loop_
_entity_poly.entity_id
_entity_poly.type
_entity_poly.pdbx_seq_one_letter_code
_entity_poly.pdbx_strand_id
1 'polypeptide(L)'
;PQETLNGGITDMLTELANFEKNVSQAIHKYNAYRKAASVIAKYPHKIKSGAEAKKLPGVGTKIAEKIDEFLATGKLRKLE
KIRQDDTSSSINFLTRVSGIGPSAARKFVDEGIKTLEDLRKNEDKLNHHQRIGLKYFGDFEKRIPREEMLQMQDIVLNEV
KKVDSEYIATVCGSFRRGAESSGDMDVLLTHPSFTSESTKQPKLLHQVVEQLQKVHFITDTLSKGETKFMGVCQLPSKND
EKEYPHRRIDIRLIPKDQYYCGVLYFTGSDIFNKNMRAHALEKGFTINEYTIRPLGVTGVAGEPLPVDSEKDIFDYIQWK
YREPKDRSE
;
A
2 'polydeoxyribonucleotide' (DC)(DC)(DG)(DA)(DC)(DG)(DZM)(DC)(DG)(DC)(DA)(DT)(DC)(DA)(DG)(DC) T
3 'polydeoxyribonucleotide' (DG)(DC)(DT)(DG)(DA)(DT)(DG)(DC)(DG)(DT) P
4 'polydeoxyribonucleotide' (DG)(DT)(DC)(DG)(DG) D
#
loop_
_chem_comp.id
_chem_comp.type
_chem_comp.name
_chem_comp.formula
0KX non-polymer 2'-deoxy-5'-O-[(R)-hydroxy{[(R)-hydroxy(phosphonooxy)phosphoryl]amino}phosphoryl]cytidine 'C9 H17 N4 O12 P3'
DA DNA linking 2'-DEOXYADENOSINE-5'-MONOPHOSPHATE 'C10 H14 N5 O6 P'
DC DNA linking 2'-DEOXYCYTIDINE-5'-MONOPHOSPHATE 'C9 H14 N3 O7 P'
DG DNA linking 2'-DEOXYGUANOSINE-5'-MONOPHOSPHATE 'C10 H14 N5 O7 P'
DT DNA linking THYMIDINE-5'-MONOPHOSPHATE 'C10 H15 N2 O8 P'
DZM DNA linking 3-deaza-3-methyladenine 'C12 H17 N4 O6 P'
MG non-polymer 'MAGNESIUM ION' 'Mg 2'
NA non-polymer 'SODIUM ION' 'Na 1'
#
# COMPACT_ATOMS: atom_id res chain seq x y z
N PRO A 1 -0.57 11.56 18.40
CA PRO A 1 -1.40 11.74 19.59
C PRO A 1 -2.06 10.43 20.03
N GLN A 2 -3.32 10.50 20.41
CA GLN A 2 -4.09 9.31 20.76
C GLN A 2 -5.28 9.18 19.82
N GLU A 3 -5.77 7.96 19.66
CA GLU A 3 -6.93 7.72 18.80
C GLU A 3 -8.15 8.44 19.35
N THR A 4 -8.51 8.11 20.60
CA THR A 4 -9.73 8.61 21.21
C THR A 4 -9.83 10.13 21.34
N LEU A 5 -8.76 10.84 20.97
CA LEU A 5 -8.79 12.29 20.89
C LEU A 5 -9.87 12.73 19.91
N ASN A 6 -9.63 12.50 18.63
CA ASN A 6 -10.61 12.79 17.59
C ASN A 6 -10.92 11.55 16.77
N GLY A 7 -10.85 10.39 17.42
CA GLY A 7 -11.09 9.12 16.77
C GLY A 7 -12.47 8.99 16.16
N GLY A 8 -13.47 9.57 16.83
CA GLY A 8 -14.81 9.58 16.31
C GLY A 8 -14.87 10.32 14.98
N ILE A 9 -14.15 11.42 14.90
CA ILE A 9 -14.11 12.23 13.68
C ILE A 9 -13.34 11.53 12.57
N THR A 10 -12.15 11.01 12.90
CA THR A 10 -11.32 10.33 11.91
C THR A 10 -12.02 9.11 11.33
N ASP A 11 -12.69 8.35 12.19
CA ASP A 11 -13.48 7.21 11.75
C ASP A 11 -14.59 7.67 10.82
N MET A 12 -15.31 8.70 11.25
CA MET A 12 -16.38 9.30 10.47
C MET A 12 -15.89 9.70 9.08
N LEU A 13 -14.72 10.32 9.03
CA LEU A 13 -14.13 10.75 7.77
C LEU A 13 -13.68 9.56 6.92
N THR A 14 -13.09 8.56 7.58
CA THR A 14 -12.61 7.37 6.88
C THR A 14 -13.76 6.59 6.25
N GLU A 15 -14.86 6.47 7.00
CA GLU A 15 -16.07 5.86 6.46
C GLU A 15 -16.54 6.63 5.24
N LEU A 16 -16.58 7.96 5.35
CA LEU A 16 -16.97 8.82 4.24
C LEU A 16 -16.05 8.64 3.04
N ALA A 17 -14.76 8.51 3.31
CA ALA A 17 -13.76 8.33 2.25
C ALA A 17 -14.05 7.08 1.45
N ASN A 18 -14.29 5.98 2.14
CA ASN A 18 -14.51 4.68 1.49
C ASN A 18 -15.77 4.66 0.63
N PHE A 19 -16.81 5.38 1.04
CA PHE A 19 -18.03 5.43 0.26
C PHE A 19 -17.86 6.26 -1.01
N GLU A 20 -17.08 7.33 -0.91
CA GLU A 20 -16.75 8.15 -2.08
C GLU A 20 -16.01 7.31 -3.12
N LYS A 21 -15.00 6.58 -2.65
CA LYS A 21 -14.19 5.73 -3.51
C LYS A 21 -14.98 4.60 -4.15
N ASN A 22 -15.74 3.87 -3.33
CA ASN A 22 -16.34 2.62 -3.76
C ASN A 22 -17.75 2.74 -4.34
N VAL A 23 -18.52 3.72 -3.86
CA VAL A 23 -19.90 3.88 -4.30
C VAL A 23 -20.06 5.05 -5.28
N SER A 24 -19.43 6.17 -4.96
CA SER A 24 -19.56 7.38 -5.77
C SER A 24 -18.57 7.42 -6.93
N GLN A 25 -17.49 6.63 -6.79
CA GLN A 25 -16.40 6.62 -7.75
C GLN A 25 -15.82 8.01 -7.94
N ALA A 26 -15.57 8.67 -6.80
CA ALA A 26 -14.92 9.97 -6.78
C ALA A 26 -13.62 9.86 -6.00
N ILE A 27 -12.56 9.43 -6.68
CA ILE A 27 -11.30 9.09 -6.05
C ILE A 27 -10.65 10.29 -5.34
N HIS A 28 -10.89 11.50 -5.84
CA HIS A 28 -10.25 12.68 -5.30
C HIS A 28 -10.98 13.22 -4.07
N LYS A 29 -12.27 12.91 -3.96
CA LYS A 29 -13.00 13.15 -2.73
C LYS A 29 -12.51 12.19 -1.66
N TYR A 30 -12.24 10.96 -2.09
CA TYR A 30 -11.76 9.90 -1.22
C TYR A 30 -10.39 10.23 -0.62
N ASN A 31 -9.53 10.84 -1.43
CA ASN A 31 -8.22 11.27 -0.95
C ASN A 31 -8.33 12.52 -0.09
N ALA A 32 -9.31 13.36 -0.41
CA ALA A 32 -9.55 14.57 0.37
C ALA A 32 -9.97 14.22 1.80
N TYR A 33 -10.95 13.33 1.91
CA TYR A 33 -11.46 12.89 3.21
C TYR A 33 -10.37 12.24 4.05
N ARG A 34 -9.45 11.53 3.40
CA ARG A 34 -8.36 10.87 4.09
C ARG A 34 -7.30 11.86 4.56
N LYS A 35 -6.97 12.81 3.70
CA LYS A 35 -6.00 13.84 4.05
C LYS A 35 -6.45 14.60 5.29
N ALA A 36 -7.76 14.85 5.36
CA ALA A 36 -8.35 15.50 6.53
C ALA A 36 -8.30 14.58 7.73
N ALA A 37 -8.54 13.30 7.49
CA ALA A 37 -8.52 12.30 8.55
C ALA A 37 -7.11 12.18 9.14
N SER A 38 -6.11 12.39 8.30
CA SER A 38 -4.73 12.25 8.75
C SER A 38 -4.26 13.48 9.52
N VAL A 39 -4.49 14.65 8.95
CA VAL A 39 -4.01 15.89 9.56
C VAL A 39 -4.71 16.15 10.91
N ILE A 40 -5.94 15.65 11.04
CA ILE A 40 -6.69 15.75 12.28
C ILE A 40 -6.15 14.75 13.30
N ALA A 41 -5.82 13.55 12.83
CA ALA A 41 -5.37 12.47 13.72
C ALA A 41 -4.02 12.78 14.36
N LYS A 42 -3.36 13.80 13.83
CA LYS A 42 -2.04 14.14 14.33
C LYS A 42 -2.06 15.44 15.09
N TYR A 43 -3.23 16.05 15.06
CA TYR A 43 -3.49 17.29 15.74
C TYR A 43 -3.75 17.00 17.22
N PRO A 44 -2.82 17.39 18.08
CA PRO A 44 -2.75 17.00 19.51
C PRO A 44 -3.74 17.71 20.41
N HIS A 45 -4.93 18.04 19.91
CA HIS A 45 -5.96 18.66 20.74
C HIS A 45 -7.32 18.01 20.48
N LYS A 46 -8.21 18.07 21.47
CA LYS A 46 -9.56 17.62 21.27
C LYS A 46 -10.38 18.72 20.61
N ILE A 47 -10.77 18.48 19.36
CA ILE A 47 -11.47 19.47 18.57
C ILE A 47 -12.82 19.85 19.19
N LYS A 48 -12.97 21.13 19.49
CA LYS A 48 -14.16 21.65 20.16
C LYS A 48 -15.23 22.11 19.18
N SER A 49 -14.78 22.64 18.04
CA SER A 49 -15.69 23.15 17.02
C SER A 49 -15.20 22.80 15.62
N GLY A 50 -16.13 22.74 14.68
CA GLY A 50 -15.78 22.50 13.29
C GLY A 50 -14.95 23.63 12.72
N ALA A 51 -15.15 24.83 13.27
CA ALA A 51 -14.38 26.00 12.87
C ALA A 51 -12.93 25.87 13.32
N GLU A 52 -12.74 25.27 14.49
CA GLU A 52 -11.39 25.01 15.01
C GLU A 52 -10.66 24.02 14.10
N ALA A 53 -11.41 23.06 13.57
CA ALA A 53 -10.87 22.07 12.66
C ALA A 53 -10.54 22.69 11.29
N LYS A 54 -11.34 23.68 10.91
CA LYS A 54 -11.20 24.34 9.61
C LYS A 54 -9.84 25.00 9.43
N LYS A 55 -9.18 25.29 10.55
CA LYS A 55 -7.89 25.97 10.53
C LYS A 55 -6.77 25.08 10.00
N LEU A 56 -7.02 23.77 9.96
CA LEU A 56 -6.02 22.81 9.52
C LEU A 56 -5.97 22.68 7.99
N PRO A 57 -4.78 22.40 7.45
CA PRO A 57 -4.61 22.25 6.00
C PRO A 57 -5.23 20.96 5.46
N GLY A 58 -6.27 21.10 4.64
CA GLY A 58 -6.96 19.95 4.09
C GLY A 58 -8.36 19.83 4.64
N VAL A 59 -8.66 20.61 5.67
CA VAL A 59 -10.00 20.67 6.22
C VAL A 59 -10.69 21.95 5.76
N GLY A 60 -11.82 21.80 5.08
CA GLY A 60 -12.50 22.95 4.53
C GLY A 60 -13.91 23.14 5.06
N THR A 61 -14.71 23.91 4.34
CA THR A 61 -16.05 24.28 4.77
C THR A 61 -16.96 23.06 5.00
N LYS A 62 -16.93 22.11 4.07
CA LYS A 62 -17.82 20.95 4.14
C LYS A 62 -17.57 20.06 5.36
N ILE A 63 -16.31 19.68 5.58
CA ILE A 63 -15.95 18.84 6.71
C ILE A 63 -16.17 19.58 8.03
N ALA A 64 -15.87 20.88 8.03
CA ALA A 64 -16.06 21.73 9.20
C ALA A 64 -17.50 21.68 9.69
N GLU A 65 -18.44 21.72 8.74
CA GLU A 65 -19.86 21.64 9.07
C GLU A 65 -20.23 20.22 9.50
N LYS A 66 -19.60 19.23 8.87
CA LYS A 66 -19.81 17.83 9.20
C LYS A 66 -19.38 17.53 10.63
N ILE A 67 -18.38 18.27 11.10
CA ILE A 67 -17.87 18.09 12.46
C ILE A 67 -18.79 18.79 13.46
N ASP A 68 -19.38 19.92 13.05
CA ASP A 68 -20.39 20.59 13.86
C ASP A 68 -21.53 19.64 14.19
N GLU A 69 -22.07 19.00 13.15
CA GLU A 69 -23.18 18.08 13.32
C GLU A 69 -22.80 16.88 14.18
N PHE A 70 -21.59 16.36 13.99
CA PHE A 70 -21.15 15.19 14.74
C PHE A 70 -20.96 15.52 16.22
N LEU A 71 -20.25 16.61 16.50
CA LEU A 71 -20.01 16.99 17.88
C LEU A 71 -21.31 17.29 18.61
N ALA A 72 -22.25 17.90 17.91
CA ALA A 72 -23.52 18.30 18.50
C ALA A 72 -24.48 17.13 18.69
N THR A 73 -24.27 16.04 17.95
CA THR A 73 -25.21 14.93 17.97
C THR A 73 -24.56 13.56 18.24
N GLY A 74 -23.28 13.43 17.92
CA GLY A 74 -22.61 12.15 18.08
C GLY A 74 -22.72 11.29 16.84
N LYS A 75 -23.24 11.85 15.76
CA LYS A 75 -23.34 11.13 14.49
C LYS A 75 -23.63 12.04 13.30
N LEU A 76 -23.70 11.43 12.11
CA LEU A 76 -23.96 12.14 10.86
C LEU A 76 -25.19 11.56 10.17
N ARG A 77 -26.14 12.43 9.80
CA ARG A 77 -27.37 12.00 9.15
C ARG A 77 -27.11 11.26 7.83
N LYS A 78 -26.26 11.84 6.99
CA LYS A 78 -25.94 11.25 5.70
C LYS A 78 -25.26 9.89 5.85
N LEU A 79 -24.47 9.74 6.91
CA LEU A 79 -23.69 8.53 7.10
C LEU A 79 -24.52 7.39 7.66
N GLU A 80 -25.41 7.69 8.61
CA GLU A 80 -26.33 6.71 9.15
C GLU A 80 -27.22 6.16 8.04
N LYS A 81 -27.59 7.04 7.11
CA LYS A 81 -28.46 6.69 6.00
C LYS A 81 -27.76 5.76 5.01
N ILE A 82 -26.52 6.08 4.67
CA ILE A 82 -25.79 5.29 3.68
C ILE A 82 -25.37 3.94 4.27
N ARG A 83 -25.33 3.86 5.60
CA ARG A 83 -25.01 2.61 6.29
C ARG A 83 -26.16 1.61 6.18
N GLN A 84 -27.38 2.10 6.44
CA GLN A 84 -28.55 1.24 6.44
C GLN A 84 -29.01 0.91 5.03
N ASP A 85 -28.50 1.63 4.04
CA ASP A 85 -28.84 1.39 2.64
C ASP A 85 -28.28 0.04 2.20
N ASP A 86 -29.15 -0.78 1.62
CA ASP A 86 -28.74 -2.11 1.19
C ASP A 86 -27.76 -2.07 0.01
N THR A 87 -28.05 -1.24 -0.99
CA THR A 87 -27.29 -1.27 -2.23
C THR A 87 -25.90 -0.64 -2.09
N SER A 88 -25.79 0.44 -1.33
CA SER A 88 -24.52 1.15 -1.21
C SER A 88 -23.54 0.41 -0.31
N SER A 89 -24.04 -0.17 0.77
CA SER A 89 -23.19 -0.90 1.71
C SER A 89 -22.73 -2.23 1.13
N SER A 90 -23.59 -2.86 0.33
CA SER A 90 -23.23 -4.08 -0.37
C SER A 90 -22.08 -3.82 -1.34
N ILE A 91 -22.22 -2.74 -2.11
CA ILE A 91 -21.17 -2.31 -3.03
C ILE A 91 -19.88 -2.02 -2.26
N ASN A 92 -20.03 -1.33 -1.13
CA ASN A 92 -18.87 -0.95 -0.32
C ASN A 92 -18.14 -2.14 0.27
N PHE A 93 -18.88 -3.21 0.58
CA PHE A 93 -18.29 -4.39 1.19
C PHE A 93 -17.55 -5.27 0.19
N LEU A 94 -18.10 -5.39 -1.01
CA LEU A 94 -17.52 -6.28 -2.03
C LEU A 94 -16.13 -5.85 -2.46
N THR A 95 -15.86 -4.55 -2.43
CA THR A 95 -14.57 -4.03 -2.84
C THR A 95 -13.45 -4.47 -1.90
N ARG A 96 -13.82 -5.01 -0.74
CA ARG A 96 -12.82 -5.53 0.19
C ARG A 96 -12.20 -6.80 -0.37
N VAL A 97 -12.91 -7.46 -1.27
CA VAL A 97 -12.33 -8.55 -2.05
C VAL A 97 -11.30 -7.96 -3.00
N SER A 98 -10.03 -8.32 -2.78
CA SER A 98 -8.96 -7.90 -3.69
C SER A 98 -9.27 -8.41 -5.08
N GLY A 99 -9.17 -7.53 -6.07
CA GLY A 99 -9.54 -7.86 -7.43
C GLY A 99 -10.85 -7.21 -7.82
N ILE A 100 -11.71 -6.99 -6.83
CA ILE A 100 -12.96 -6.28 -7.05
C ILE A 100 -12.81 -4.82 -6.66
N GLY A 101 -12.79 -3.94 -7.67
CA GLY A 101 -12.82 -2.52 -7.43
C GLY A 101 -14.25 -2.05 -7.43
N PRO A 102 -14.46 -0.72 -7.37
CA PRO A 102 -15.81 -0.14 -7.30
C PRO A 102 -16.67 -0.41 -8.54
N SER A 103 -16.03 -0.59 -9.70
CA SER A 103 -16.77 -0.84 -10.93
C SER A 103 -17.37 -2.24 -10.95
N ALA A 104 -16.53 -3.26 -10.75
CA ALA A 104 -16.99 -4.64 -10.70
C ALA A 104 -17.96 -4.86 -9.55
N ALA A 105 -17.74 -4.12 -8.46
CA ALA A 105 -18.58 -4.23 -7.27
C ALA A 105 -20.02 -3.82 -7.57
N ARG A 106 -20.18 -2.75 -8.33
CA ARG A 106 -21.52 -2.26 -8.66
C ARG A 106 -22.18 -3.17 -9.69
N LYS A 107 -21.37 -3.77 -10.57
CA LYS A 107 -21.89 -4.73 -11.53
C LYS A 107 -22.60 -5.88 -10.80
N PHE A 108 -21.90 -6.46 -9.84
CA PHE A 108 -22.41 -7.58 -9.06
C PHE A 108 -23.71 -7.25 -8.35
N VAL A 109 -23.74 -6.10 -7.68
CA VAL A 109 -24.91 -5.67 -6.92
C VAL A 109 -26.08 -5.36 -7.85
N ASP A 110 -25.77 -4.80 -9.02
CA ASP A 110 -26.81 -4.46 -9.99
C ASP A 110 -27.52 -5.69 -10.55
N GLU A 111 -26.83 -6.83 -10.55
CA GLU A 111 -27.45 -8.08 -11.01
C GLU A 111 -27.77 -9.00 -9.84
N GLY A 112 -27.74 -8.45 -8.63
CA GLY A 112 -28.24 -9.13 -7.46
C GLY A 112 -27.23 -9.90 -6.63
N ILE A 113 -25.95 -9.64 -6.85
CA ILE A 113 -24.89 -10.30 -6.09
C ILE A 113 -24.32 -9.35 -5.05
N LYS A 114 -24.58 -9.63 -3.78
CA LYS A 114 -24.34 -8.66 -2.72
C LYS A 114 -23.42 -9.16 -1.61
N THR A 115 -23.24 -10.47 -1.52
CA THR A 115 -22.49 -11.05 -0.41
C THR A 115 -21.45 -12.05 -0.89
N LEU A 116 -20.58 -12.48 0.02
CA LEU A 116 -19.57 -13.49 -0.28
C LEU A 116 -20.25 -14.81 -0.64
N GLU A 117 -21.38 -15.07 0.01
CA GLU A 117 -22.22 -16.22 -0.32
C GLU A 117 -22.62 -16.17 -1.78
N ASP A 118 -23.11 -15.00 -2.21
CA ASP A 118 -23.49 -14.77 -3.60
C ASP A 118 -22.29 -14.94 -4.53
N LEU A 119 -21.13 -14.41 -4.12
CA LEU A 119 -19.91 -14.55 -4.90
C LEU A 119 -19.53 -16.01 -5.09
N ARG A 120 -19.46 -16.75 -3.98
CA ARG A 120 -19.12 -18.16 -4.02
C ARG A 120 -20.11 -18.96 -4.86
N LYS A 121 -21.38 -18.53 -4.86
CA LYS A 121 -22.39 -19.17 -5.68
C LYS A 121 -22.14 -18.94 -7.17
N ASN A 122 -21.48 -17.82 -7.50
CA ASN A 122 -21.27 -17.42 -8.89
C ASN A 122 -19.81 -17.24 -9.29
N GLU A 123 -18.95 -18.18 -8.91
CA GLU A 123 -17.51 -18.00 -9.12
C GLU A 123 -17.11 -17.91 -10.59
N ASP A 124 -17.96 -18.44 -11.46
CA ASP A 124 -17.69 -18.41 -12.90
C ASP A 124 -17.66 -16.99 -13.43
N LYS A 125 -18.39 -16.10 -12.76
CA LYS A 125 -18.48 -14.70 -13.19
C LYS A 125 -17.27 -13.90 -12.76
N LEU A 126 -16.47 -14.46 -11.85
CA LEU A 126 -15.29 -13.78 -11.34
C LEU A 126 -14.07 -14.08 -12.19
N ASN A 127 -13.15 -13.13 -12.29
CA ASN A 127 -11.89 -13.39 -12.97
C ASN A 127 -10.92 -14.09 -12.02
N HIS A 128 -9.73 -14.40 -12.51
CA HIS A 128 -8.74 -15.14 -11.73
C HIS A 128 -8.42 -14.48 -10.39
N HIS A 129 -7.97 -13.23 -10.46
CA HIS A 129 -7.61 -12.44 -9.29
C HIS A 129 -8.71 -12.46 -8.22
N GLN A 130 -9.95 -12.25 -8.67
CA GLN A 130 -11.08 -12.17 -7.75
C GLN A 130 -11.36 -13.50 -7.06
N ARG A 131 -11.06 -14.61 -7.73
CA ARG A 131 -11.23 -15.92 -7.13
C ARG A 131 -10.25 -16.11 -5.98
N ILE A 132 -9.00 -15.72 -6.20
CA ILE A 132 -7.98 -15.78 -5.17
C ILE A 132 -8.32 -14.84 -4.02
N GLY A 133 -8.67 -13.61 -4.36
CA GLY A 133 -9.04 -12.60 -3.38
C GLY A 133 -10.22 -13.02 -2.53
N LEU A 134 -11.16 -13.73 -3.14
CA LEU A 134 -12.30 -14.29 -2.42
C LEU A 134 -11.86 -15.47 -1.56
N LYS A 135 -11.09 -16.37 -2.17
CA LYS A 135 -10.58 -17.56 -1.49
C LYS A 135 -9.89 -17.22 -0.18
N TYR A 136 -9.12 -16.14 -0.19
CA TYR A 136 -8.38 -15.72 0.99
C TYR A 136 -8.86 -14.38 1.53
N PHE A 137 -10.18 -14.15 1.47
CA PHE A 137 -10.76 -12.92 1.99
C PHE A 137 -10.36 -12.70 3.44
N GLY A 138 -10.45 -13.77 4.24
CA GLY A 138 -10.09 -13.70 5.64
C GLY A 138 -8.62 -13.42 5.86
N ASP A 139 -7.76 -14.28 5.32
CA ASP A 139 -6.31 -14.17 5.49
C ASP A 139 -5.76 -12.80 5.11
N PHE A 140 -6.27 -12.25 4.00
CA PHE A 140 -5.72 -11.01 3.45
C PHE A 140 -5.95 -9.78 4.31
N GLU A 141 -6.78 -9.90 5.34
CA GLU A 141 -7.05 -8.77 6.21
C GLU A 141 -6.38 -8.93 7.57
N LYS A 142 -5.88 -10.14 7.84
CA LYS A 142 -5.04 -10.36 9.01
C LYS A 142 -3.72 -9.64 8.83
N ARG A 143 -3.13 -9.21 9.94
CA ARG A 143 -1.80 -8.58 9.88
C ARG A 143 -0.72 -9.63 10.09
N ILE A 144 0.50 -9.29 9.66
CA ILE A 144 1.62 -10.21 9.77
C ILE A 144 2.62 -9.76 10.82
N PRO A 145 2.71 -10.49 11.94
CA PRO A 145 3.71 -10.15 12.96
C PRO A 145 5.12 -10.27 12.42
N ARG A 146 6.02 -9.41 12.90
CA ARG A 146 7.39 -9.35 12.42
C ARG A 146 8.10 -10.70 12.48
N GLU A 147 7.74 -11.49 13.49
CA GLU A 147 8.32 -12.83 13.65
C GLU A 147 8.10 -13.70 12.42
N GLU A 148 6.89 -13.68 11.89
CA GLU A 148 6.57 -14.45 10.69
C GLU A 148 7.18 -13.79 9.46
N MET A 149 7.32 -12.47 9.50
CA MET A 149 7.96 -11.73 8.40
C MET A 149 9.43 -12.10 8.27
N LEU A 150 10.09 -12.30 9.42
CA LEU A 150 11.50 -12.67 9.44
C LEU A 150 11.73 -14.05 8.84
N GLN A 151 10.87 -15.00 9.21
CA GLN A 151 10.94 -16.35 8.65
C GLN A 151 10.67 -16.33 7.16
N MET A 152 9.74 -15.47 6.74
CA MET A 152 9.44 -15.30 5.32
C MET A 152 10.65 -14.75 4.59
N GLN A 153 11.31 -13.76 5.20
CA GLN A 153 12.53 -13.19 4.65
C GLN A 153 13.62 -14.25 4.52
N ASP A 154 13.73 -15.10 5.53
CA ASP A 154 14.69 -16.19 5.53
C ASP A 154 14.56 -17.05 4.27
N ILE A 155 13.32 -17.47 3.99
CA ILE A 155 13.04 -18.28 2.81
C ILE A 155 13.32 -17.50 1.53
N VAL A 156 12.77 -16.31 1.42
CA VAL A 156 12.94 -15.49 0.22
C VAL A 156 14.41 -15.19 -0.07
N LEU A 157 15.16 -14.81 0.95
CA LEU A 157 16.57 -14.51 0.78
C LEU A 157 17.39 -15.76 0.45
N ASN A 158 16.99 -16.90 1.01
CA ASN A 158 17.71 -18.15 0.76
C ASN A 158 17.42 -18.69 -0.63
N GLU A 159 16.14 -18.75 -0.98
CA GLU A 159 15.74 -19.29 -2.28
C GLU A 159 16.25 -18.42 -3.43
N VAL A 160 16.41 -17.12 -3.15
CA VAL A 160 16.94 -16.20 -4.14
C VAL A 160 18.43 -16.41 -4.35
N LYS A 161 19.18 -16.52 -3.26
CA LYS A 161 20.62 -16.77 -3.35
C LYS A 161 20.88 -18.16 -3.95
N LYS A 162 19.87 -19.02 -3.89
CA LYS A 162 19.99 -20.38 -4.40
C LYS A 162 19.83 -20.43 -5.91
N VAL A 163 19.00 -19.55 -6.46
CA VAL A 163 18.81 -19.51 -7.91
C VAL A 163 20.05 -18.95 -8.59
N ASP A 164 20.52 -17.80 -8.10
CA ASP A 164 21.72 -17.18 -8.63
C ASP A 164 22.44 -16.40 -7.53
N SER A 165 23.71 -16.71 -7.33
CA SER A 165 24.52 -16.11 -6.29
C SER A 165 24.54 -14.58 -6.34
N GLU A 166 24.30 -14.03 -7.53
CA GLU A 166 24.51 -12.61 -7.76
C GLU A 166 23.22 -11.78 -7.75
N TYR A 167 22.10 -12.42 -7.46
CA TYR A 167 20.86 -11.66 -7.21
C TYR A 167 21.07 -10.78 -5.99
N ILE A 168 20.33 -9.68 -5.93
CA ILE A 168 20.30 -8.86 -4.73
C ILE A 168 18.86 -8.64 -4.31
N ALA A 169 18.46 -9.30 -3.24
CA ALA A 169 17.09 -9.22 -2.76
C ALA A 169 16.98 -8.38 -1.50
N THR A 170 15.95 -7.55 -1.43
CA THR A 170 15.72 -6.70 -0.26
C THR A 170 14.24 -6.64 0.07
N VAL A 171 13.89 -7.04 1.29
CA VAL A 171 12.52 -6.91 1.77
C VAL A 171 12.32 -5.49 2.28
N CYS A 172 11.39 -4.77 1.66
CA CYS A 172 11.15 -3.38 2.02
C CYS A 172 9.84 -3.20 2.76
N GLY A 173 9.13 -2.12 2.44
CA GLY A 173 7.87 -1.83 3.09
C GLY A 173 8.03 -1.51 4.56
N SER A 174 6.96 -1.71 5.33
CA SER A 174 6.98 -1.43 6.76
C SER A 174 7.93 -2.36 7.51
N PHE A 175 8.22 -3.51 6.91
CA PHE A 175 9.16 -4.47 7.48
C PHE A 175 10.52 -3.83 7.70
N ARG A 176 11.04 -3.20 6.65
CA ARG A 176 12.35 -2.58 6.70
C ARG A 176 12.36 -1.39 7.65
N ARG A 177 11.25 -0.66 7.69
CA ARG A 177 11.13 0.49 8.58
C ARG A 177 11.02 0.06 10.04
N GLY A 178 10.73 -1.23 10.26
CA GLY A 178 10.81 -1.80 11.59
C GLY A 178 9.48 -2.16 12.24
N ALA A 179 8.37 -1.87 11.56
CA ALA A 179 7.03 -2.10 12.10
C ALA A 179 6.87 -3.50 12.68
N GLU A 180 6.29 -3.59 13.87
CA GLU A 180 6.16 -4.86 14.57
C GLU A 180 5.18 -5.79 13.88
N SER A 181 4.34 -5.23 13.02
CA SER A 181 3.45 -6.03 12.18
C SER A 181 3.36 -5.41 10.79
N SER A 182 3.05 -6.22 9.79
CA SER A 182 2.99 -5.73 8.41
C SER A 182 1.75 -6.24 7.68
N GLY A 183 1.34 -5.51 6.65
CA GLY A 183 0.17 -5.86 5.88
C GLY A 183 0.47 -6.85 4.75
N ASP A 184 1.68 -6.77 4.22
CA ASP A 184 2.12 -7.69 3.17
C ASP A 184 3.64 -7.79 3.14
N MET A 185 4.17 -8.48 2.14
CA MET A 185 5.62 -8.56 1.96
C MET A 185 6.04 -7.91 0.64
N ASP A 186 6.93 -6.94 0.73
CA ASP A 186 7.45 -6.25 -0.45
C ASP A 186 8.90 -6.61 -0.70
N VAL A 187 9.13 -7.39 -1.74
CA VAL A 187 10.49 -7.82 -2.08
C VAL A 187 11.00 -7.06 -3.31
N LEU A 188 12.20 -6.52 -3.19
CA LEU A 188 12.84 -5.85 -4.33
C LEU A 188 14.04 -6.66 -4.79
N LEU A 189 14.24 -6.71 -6.10
CA LEU A 189 15.17 -7.67 -6.68
C LEU A 189 15.95 -7.07 -7.85
N THR A 190 17.25 -7.33 -7.88
CA THR A 190 18.06 -6.92 -9.02
C THR A 190 19.18 -7.92 -9.30
N HIS A 191 19.95 -7.66 -10.35
CA HIS A 191 20.92 -8.62 -10.86
C HIS A 191 21.86 -7.87 -11.82
N PRO A 192 23.17 -8.15 -11.73
CA PRO A 192 24.20 -7.44 -12.50
C PRO A 192 23.95 -7.38 -14.01
N SER A 193 23.27 -8.39 -14.56
CA SER A 193 22.99 -8.41 -15.99
C SER A 193 21.59 -7.88 -16.29
N PHE A 194 21.16 -6.88 -15.55
CA PHE A 194 19.94 -6.13 -15.86
C PHE A 194 20.12 -4.67 -15.49
N THR A 195 20.26 -3.82 -16.51
CA THR A 195 20.37 -2.38 -16.30
C THR A 195 19.39 -1.64 -17.19
N SER A 196 19.52 -0.31 -17.24
CA SER A 196 18.65 0.51 -18.06
C SER A 196 18.91 0.24 -19.54
N GLU A 197 20.15 -0.08 -19.89
CA GLU A 197 20.53 -0.30 -21.27
C GLU A 197 20.82 -1.77 -21.56
N SER A 198 20.18 -2.66 -20.81
CA SER A 198 20.36 -4.10 -20.99
C SER A 198 19.31 -4.69 -21.91
N GLN A 201 18.28 -11.81 -19.45
CA GLN A 201 17.12 -12.62 -19.81
C GLN A 201 15.83 -12.03 -19.27
N PRO A 202 14.73 -12.17 -20.03
CA PRO A 202 13.39 -11.87 -19.54
C PRO A 202 12.87 -12.99 -18.64
N LYS A 203 13.79 -13.72 -18.01
CA LYS A 203 13.45 -14.85 -17.16
C LYS A 203 13.99 -14.68 -15.75
N LEU A 204 14.61 -13.53 -15.48
CA LEU A 204 15.20 -13.25 -14.18
C LEU A 204 14.16 -13.32 -13.07
N LEU A 205 13.02 -12.67 -13.29
CA LEU A 205 11.94 -12.69 -12.30
C LEU A 205 11.27 -14.06 -12.27
N HIS A 206 11.12 -14.67 -13.45
CA HIS A 206 10.46 -15.97 -13.56
C HIS A 206 11.15 -17.04 -12.73
N GLN A 207 12.47 -17.15 -12.89
CA GLN A 207 13.26 -18.15 -12.18
C GLN A 207 13.07 -18.06 -10.67
N VAL A 208 13.13 -16.84 -10.14
CA VAL A 208 12.94 -16.61 -8.71
C VAL A 208 11.55 -17.03 -8.26
N VAL A 209 10.53 -16.62 -9.01
CA VAL A 209 9.15 -16.97 -8.70
C VAL A 209 8.92 -18.47 -8.69
N GLU A 210 9.42 -19.16 -9.71
CA GLU A 210 9.17 -20.60 -9.82
C GLU A 210 9.94 -21.41 -8.79
N GLN A 211 11.12 -20.93 -8.39
CA GLN A 211 11.86 -21.56 -7.30
C GLN A 211 11.07 -21.47 -6.01
N LEU A 212 10.51 -20.27 -5.76
CA LEU A 212 9.68 -20.03 -4.59
C LEU A 212 8.37 -20.83 -4.67
N GLN A 213 8.03 -21.26 -5.89
CA GLN A 213 6.86 -22.11 -6.09
C GLN A 213 7.19 -23.58 -5.83
N LYS A 214 8.40 -23.98 -6.20
CA LYS A 214 8.79 -25.38 -6.07
C LYS A 214 8.94 -25.78 -4.59
N VAL A 215 9.60 -24.93 -3.81
CA VAL A 215 9.73 -25.19 -2.38
C VAL A 215 8.43 -24.87 -1.64
N HIS A 216 7.38 -24.62 -2.43
CA HIS A 216 6.01 -24.48 -1.93
C HIS A 216 5.83 -23.28 -1.01
N PHE A 217 6.61 -22.22 -1.23
CA PHE A 217 6.41 -20.99 -0.49
C PHE A 217 5.31 -20.17 -1.14
N ILE A 218 5.45 -19.91 -2.43
CA ILE A 218 4.41 -19.20 -3.18
C ILE A 218 3.34 -20.17 -3.66
N THR A 219 2.09 -19.85 -3.36
CA THR A 219 0.98 -20.79 -3.55
C THR A 219 0.02 -20.39 -4.67
N ASP A 220 -0.11 -19.08 -4.91
CA ASP A 220 -1.02 -18.57 -5.93
C ASP A 220 -0.43 -17.37 -6.65
N THR A 221 -0.88 -17.11 -7.87
CA THR A 221 -0.39 -15.97 -8.63
C THR A 221 -1.54 -15.04 -9.03
N LEU A 222 -1.40 -13.77 -8.67
CA LEU A 222 -2.39 -12.75 -9.02
C LEU A 222 -2.02 -12.07 -10.33
N SER A 223 -0.74 -11.76 -10.48
CA SER A 223 -0.23 -11.14 -11.70
C SER A 223 1.27 -11.38 -11.83
N LYS A 224 1.72 -11.70 -13.04
CA LYS A 224 3.14 -11.90 -13.30
C LYS A 224 3.54 -11.36 -14.65
N GLY A 225 4.54 -10.48 -14.66
CA GLY A 225 5.10 -9.95 -15.88
C GLY A 225 6.62 -10.07 -15.83
N GLU A 226 7.29 -9.29 -16.65
CA GLU A 226 8.75 -9.36 -16.73
C GLU A 226 9.44 -8.64 -15.57
N THR A 227 8.73 -7.72 -14.92
CA THR A 227 9.34 -6.93 -13.86
C THR A 227 8.56 -6.93 -12.54
N LYS A 228 7.28 -7.29 -12.59
CA LYS A 228 6.44 -7.19 -11.41
C LYS A 228 5.66 -8.47 -11.13
N PHE A 229 5.71 -8.93 -9.88
CA PHE A 229 4.95 -10.10 -9.46
C PHE A 229 4.07 -9.80 -8.25
N MET A 230 2.80 -10.18 -8.36
CA MET A 230 1.87 -10.12 -7.24
C MET A 230 1.26 -11.49 -7.02
N GLY A 231 1.46 -12.05 -5.83
CA GLY A 231 0.98 -13.39 -5.55
C GLY A 231 0.69 -13.65 -4.08
N VAL A 232 0.58 -14.93 -3.73
CA VAL A 232 0.28 -15.34 -2.37
C VAL A 232 1.34 -16.32 -1.88
N CYS A 233 1.68 -16.24 -0.59
CA CYS A 233 2.64 -17.16 0.00
C CYS A 233 2.21 -17.61 1.39
N GLN A 234 2.76 -18.74 1.83
CA GLN A 234 2.41 -19.31 3.12
C GLN A 234 3.61 -20.01 3.76
N LEU A 235 3.85 -19.72 5.04
CA LEU A 235 4.90 -20.42 5.79
C LEU A 235 4.58 -21.90 5.89
N PRO A 236 5.62 -22.75 5.95
CA PRO A 236 5.36 -24.17 6.14
C PRO A 236 4.84 -24.41 7.55
N SER A 237 3.88 -25.32 7.71
CA SER A 237 3.23 -25.53 9.01
C SER A 237 4.22 -26.00 10.07
N LYS A 238 4.05 -25.54 11.30
CA LYS A 238 4.96 -25.99 12.34
C LYS A 238 4.42 -27.17 13.10
N ASN A 239 4.83 -28.37 12.74
CA ASN A 239 4.53 -29.53 13.56
C ASN A 239 3.08 -29.70 13.89
N ASP A 240 2.81 -29.84 15.17
CA ASP A 240 1.45 -29.99 15.65
C ASP A 240 0.66 -28.75 15.30
N GLU A 241 1.33 -27.62 15.38
CA GLU A 241 0.70 -26.32 15.36
C GLU A 241 -0.09 -26.14 14.10
N LYS A 242 -1.19 -25.42 14.23
CA LYS A 242 -2.12 -25.24 13.11
C LYS A 242 -1.54 -24.29 12.05
N GLU A 243 -1.88 -24.56 10.79
CA GLU A 243 -1.25 -23.90 9.65
C GLU A 243 -1.41 -22.38 9.60
N TYR A 244 -0.40 -21.73 9.01
CA TYR A 244 -0.34 -20.27 8.93
C TYR A 244 -1.32 -19.68 7.93
N PRO A 245 -1.72 -18.42 8.12
CA PRO A 245 -2.56 -17.72 7.15
C PRO A 245 -1.81 -17.44 5.86
N HIS A 246 -2.50 -17.44 4.73
CA HIS A 246 -1.89 -17.09 3.45
C HIS A 246 -1.62 -15.59 3.40
N ARG A 247 -0.45 -15.21 2.88
CA ARG A 247 -0.03 -13.82 2.88
C ARG A 247 0.18 -13.25 1.49
N ARG A 248 -0.04 -11.96 1.34
CA ARG A 248 0.24 -11.25 0.09
C ARG A 248 1.72 -10.99 -0.05
N ILE A 249 2.26 -11.21 -1.25
CA ILE A 249 3.67 -10.95 -1.49
C ILE A 249 3.87 -10.32 -2.87
N ASP A 250 4.70 -9.29 -2.93
CA ASP A 250 5.05 -8.63 -4.17
C ASP A 250 6.54 -8.75 -4.45
N ILE A 251 6.89 -9.07 -5.69
CA ILE A 251 8.29 -9.13 -6.09
C ILE A 251 8.53 -8.26 -7.33
N ARG A 252 9.39 -7.26 -7.18
CA ARG A 252 9.70 -6.35 -8.29
C ARG A 252 11.15 -6.47 -8.72
N LEU A 253 11.35 -6.65 -10.03
CA LEU A 253 12.69 -6.68 -10.61
C LEU A 253 13.07 -5.30 -11.13
N ILE A 254 14.14 -4.74 -10.58
CA ILE A 254 14.56 -3.39 -10.89
C ILE A 254 15.97 -3.38 -11.48
N PRO A 255 16.23 -2.53 -12.48
CA PRO A 255 17.60 -2.36 -12.99
C PRO A 255 18.57 -1.98 -11.86
N LYS A 256 19.82 -2.43 -12.00
CA LYS A 256 20.84 -2.21 -10.97
C LYS A 256 21.04 -0.72 -10.67
N ASP A 257 21.03 0.12 -11.70
CA ASP A 257 21.27 1.54 -11.54
C ASP A 257 20.04 2.29 -11.01
N GLN A 258 18.88 1.66 -11.08
CA GLN A 258 17.65 2.26 -10.57
C GLN A 258 17.25 1.63 -9.24
N TYR A 259 18.12 0.76 -8.72
CA TYR A 259 17.76 -0.08 -7.57
C TYR A 259 17.55 0.70 -6.28
N TYR A 260 18.49 1.58 -5.95
CA TYR A 260 18.43 2.28 -4.66
C TYR A 260 17.36 3.36 -4.64
N CYS A 261 17.00 3.88 -5.80
CA CYS A 261 15.86 4.78 -5.90
C CYS A 261 14.59 3.99 -5.63
N GLY A 262 14.54 2.77 -6.18
CA GLY A 262 13.42 1.87 -5.96
C GLY A 262 13.34 1.42 -4.51
N VAL A 263 14.49 1.07 -3.93
CA VAL A 263 14.57 0.66 -2.53
C VAL A 263 14.06 1.78 -1.62
N LEU A 264 14.54 2.98 -1.86
CA LEU A 264 14.11 4.16 -1.11
C LEU A 264 12.59 4.36 -1.20
N TYR A 265 12.06 4.19 -2.40
CA TYR A 265 10.66 4.45 -2.70
C TYR A 265 9.73 3.41 -2.08
N PHE A 266 10.08 2.13 -2.22
CA PHE A 266 9.23 1.06 -1.73
C PHE A 266 9.52 0.70 -0.27
N THR A 267 10.39 1.48 0.36
CA THR A 267 10.61 1.36 1.80
C THR A 267 9.60 2.22 2.53
N GLY A 268 9.33 3.39 1.96
CA GLY A 268 8.31 4.27 2.50
C GLY A 268 8.76 5.00 3.76
N SER A 269 7.80 5.48 4.55
CA SER A 269 6.37 5.35 4.25
C SER A 269 5.96 6.29 3.11
N ASP A 270 4.75 6.10 2.58
CA ASP A 270 4.29 6.96 1.50
C ASP A 270 4.16 8.39 2.01
N ILE A 271 3.80 8.52 3.28
CA ILE A 271 3.76 9.82 3.93
C ILE A 271 5.16 10.41 4.00
N PHE A 272 6.16 9.56 4.17
CA PHE A 272 7.55 9.99 4.13
C PHE A 272 7.95 10.37 2.71
N ASN A 273 7.58 9.53 1.74
CA ASN A 273 7.88 9.77 0.34
C ASN A 273 7.30 11.06 -0.18
N LYS A 274 6.00 11.22 0.02
CA LYS A 274 5.27 12.43 -0.36
C LYS A 274 5.92 13.72 0.15
N ASN A 275 6.81 13.59 1.13
CA ASN A 275 7.37 14.73 1.84
C ASN A 275 8.82 14.95 1.40
N MET A 276 9.46 13.87 0.96
CA MET A 276 10.84 13.90 0.47
C MET A 276 10.84 14.43 -0.94
N ARG A 277 9.72 14.24 -1.60
CA ARG A 277 9.60 14.65 -2.97
C ARG A 277 9.63 16.15 -3.14
N ALA A 278 8.86 16.84 -2.31
CA ALA A 278 8.91 18.28 -2.30
C ALA A 278 10.22 18.85 -1.86
N HIS A 279 10.77 18.30 -0.80
CA HIS A 279 11.88 18.95 -0.21
C HIS A 279 12.86 18.93 -1.30
N ALA A 280 12.77 17.86 -2.08
CA ALA A 280 13.56 17.61 -3.25
C ALA A 280 13.33 18.67 -4.31
N LEU A 281 12.09 19.09 -4.40
CA LEU A 281 11.67 20.16 -5.30
C LEU A 281 12.32 21.49 -4.92
N GLU A 282 12.04 21.94 -3.70
CA GLU A 282 12.59 23.17 -3.10
C GLU A 282 14.02 23.42 -3.52
N LYS A 283 14.74 22.32 -3.55
CA LYS A 283 16.17 22.34 -3.73
C LYS A 283 16.54 22.19 -5.20
N GLY A 284 15.56 21.87 -6.04
CA GLY A 284 15.80 21.76 -7.47
C GLY A 284 16.02 20.34 -7.94
N PHE A 285 15.41 19.38 -7.26
CA PHE A 285 15.54 17.98 -7.65
C PHE A 285 14.18 17.29 -7.72
N THR A 286 14.02 16.37 -8.66
CA THR A 286 12.80 15.58 -8.75
C THR A 286 13.11 14.09 -8.59
N ILE A 287 12.42 13.45 -7.65
CA ILE A 287 12.62 12.04 -7.38
C ILE A 287 11.39 11.22 -7.72
N ASN A 288 11.59 10.13 -8.45
CA ASN A 288 10.56 9.12 -8.60
C ASN A 288 11.11 7.78 -8.14
N GLU A 289 10.39 6.70 -8.43
CA GLU A 289 10.84 5.38 -8.04
C GLU A 289 12.04 4.94 -8.87
N TYR A 290 12.25 5.60 -9.99
CA TYR A 290 13.32 5.23 -10.90
C TYR A 290 14.61 5.99 -10.64
N THR A 291 14.52 7.33 -10.63
CA THR A 291 15.72 8.16 -10.66
C THR A 291 15.56 9.49 -9.91
N ILE A 292 16.69 10.12 -9.61
CA ILE A 292 16.70 11.50 -9.16
C ILE A 292 17.32 12.37 -10.25
N ARG A 293 16.58 13.39 -10.66
CA ARG A 293 17.01 14.23 -11.78
C ARG A 293 16.98 15.71 -11.41
N PRO A 294 17.99 16.48 -11.87
CA PRO A 294 18.08 17.90 -11.57
C PRO A 294 17.04 18.72 -12.35
N LEU A 295 16.44 19.70 -11.69
CA LEU A 295 15.48 20.56 -12.35
C LEU A 295 16.15 21.84 -12.84
N GLY A 296 16.02 22.12 -14.13
CA GLY A 296 16.72 23.22 -14.76
C GLY A 296 16.04 24.57 -14.63
N VAL A 297 16.49 25.53 -15.43
CA VAL A 297 16.02 26.91 -15.35
C VAL A 297 14.50 27.07 -15.48
N THR A 298 13.90 26.24 -16.35
CA THR A 298 12.50 26.31 -16.72
C THR A 298 11.67 25.30 -15.92
N GLY A 299 12.28 24.16 -15.68
CA GLY A 299 11.61 23.03 -15.05
C GLY A 299 12.01 21.83 -15.88
N VAL A 300 13.04 22.04 -16.68
CA VAL A 300 13.60 21.00 -17.54
C VAL A 300 14.34 19.98 -16.71
N ALA A 301 14.05 18.71 -16.95
CA ALA A 301 14.78 17.63 -16.30
C ALA A 301 16.01 17.29 -17.12
N GLY A 302 17.18 17.37 -16.49
CA GLY A 302 18.40 16.93 -17.12
C GLY A 302 18.44 15.41 -17.10
N GLU A 303 19.63 14.83 -17.11
CA GLU A 303 19.72 13.38 -17.03
C GLU A 303 19.81 12.94 -15.57
N PRO A 304 19.33 11.72 -15.30
CA PRO A 304 19.42 11.15 -13.95
C PRO A 304 20.87 11.03 -13.47
N LEU A 305 21.11 11.48 -12.24
CA LEU A 305 22.43 11.42 -11.63
C LEU A 305 22.81 10.00 -11.23
N PRO A 306 24.12 9.71 -11.09
CA PRO A 306 24.54 8.40 -10.61
C PRO A 306 24.13 8.16 -9.15
N VAL A 307 23.65 6.95 -8.86
CA VAL A 307 23.21 6.59 -7.52
C VAL A 307 23.71 5.20 -7.13
N ASP A 308 24.50 5.13 -6.05
CA ASP A 308 25.07 3.86 -5.62
C ASP A 308 24.66 3.46 -4.20
N SER A 309 23.82 4.29 -3.59
CA SER A 309 23.29 4.00 -2.26
C SER A 309 22.09 4.89 -1.97
N GLU A 310 21.34 4.54 -0.93
CA GLU A 310 20.29 5.43 -0.44
C GLU A 310 20.93 6.73 0.01
N LYS A 311 22.09 6.59 0.65
CA LYS A 311 22.86 7.73 1.13
C LYS A 311 23.22 8.70 0.00
N ASP A 312 23.59 8.16 -1.17
CA ASP A 312 23.91 8.99 -2.33
C ASP A 312 22.77 9.94 -2.69
N ILE A 313 21.55 9.48 -2.48
CA ILE A 313 20.36 10.26 -2.81
C ILE A 313 20.18 11.44 -1.86
N PHE A 314 20.53 11.24 -0.60
CA PHE A 314 20.55 12.33 0.36
C PHE A 314 21.75 13.23 0.07
N ASP A 315 22.76 12.66 -0.59
CA ASP A 315 23.94 13.42 -0.99
C ASP A 315 23.72 14.10 -2.34
N TYR A 316 22.48 14.46 -2.61
CA TYR A 316 22.14 15.29 -3.76
C TYR A 316 21.24 16.43 -3.33
N ILE A 317 20.30 16.13 -2.44
CA ILE A 317 19.42 17.16 -1.87
C ILE A 317 20.01 17.68 -0.56
N GLN A 318 21.32 17.50 -0.39
CA GLN A 318 22.09 17.96 0.76
C GLN A 318 21.40 17.72 2.09
N TRP A 319 20.90 16.52 2.27
CA TRP A 319 20.34 16.14 3.54
C TRP A 319 21.09 14.96 4.12
N LYS A 320 21.06 14.83 5.44
CA LYS A 320 21.77 13.73 6.11
C LYS A 320 20.83 12.55 6.25
N TYR A 321 21.37 11.34 6.07
CA TYR A 321 20.64 10.08 6.16
C TYR A 321 19.58 9.99 7.25
N ARG A 322 18.43 9.43 6.90
CA ARG A 322 17.44 9.02 7.88
C ARG A 322 17.22 7.53 7.72
N GLU A 323 17.69 6.78 8.70
CA GLU A 323 17.67 5.35 8.60
C GLU A 323 16.22 4.85 8.67
N PRO A 324 15.91 3.81 7.86
CA PRO A 324 14.55 3.26 7.68
C PRO A 324 13.73 3.18 8.96
N LYS A 325 14.38 2.92 10.08
CA LYS A 325 13.73 2.91 11.39
C LYS A 325 12.91 4.18 11.64
N ASP A 326 13.42 5.35 11.25
CA ASP A 326 12.76 6.62 11.59
C ASP A 326 12.02 7.29 10.44
N ARG A 327 11.63 6.50 9.43
CA ARG A 327 10.89 7.04 8.31
C ARG A 327 9.41 6.86 8.53
N SER A 328 8.99 7.02 9.75
CA SER A 328 7.64 6.79 10.12
C SER A 328 6.79 7.69 9.28
N GLU A 329 7.35 8.82 8.87
CA GLU A 329 6.63 9.79 8.07
C GLU A 329 7.57 10.94 7.70
P DZM B 7 1.66 12.43 -11.34
N1 DZM B 7 -1.36 4.25 -8.21
C2 DZM B 7 -0.05 4.11 -8.50
C3 DZM B 7 0.65 4.96 -9.37
C4 DZM B 7 -0.12 6.07 -9.99
C5 DZM B 7 -1.54 6.21 -9.67
C6 DZM B 7 -2.14 5.23 -8.73
N6 DZM B 7 -3.45 5.30 -8.38
N7 DZM B 7 -1.98 7.29 -10.36
C8 DZM B 7 -0.92 7.79 -11.06
N9 DZM B 7 0.20 7.06 -10.86
C1' DZM B 7 1.53 7.34 -11.46
OP2 DZM B 7 0.23 12.78 -11.73
C2' DZM B 7 1.51 7.56 -12.97
OP1 DZM B 7 2.75 13.46 -11.45
C3' DZM B 7 2.75 8.41 -13.20
O3' DZM B 7 3.85 7.57 -13.55
C3M DZM B 7 2.11 4.66 -9.59
C4' DZM B 7 3.12 8.96 -11.83
O4' DZM B 7 2.09 8.54 -10.92
C5' DZM B 7 3.31 10.48 -11.81
O5' DZM B 7 2.11 11.14 -12.19
MG MG E . 4.63 -4.02 3.05
NA NA F . -10.62 -4.54 -3.71
NA NA G . -8.66 25.02 5.96
PG 0KX H . 2.03 -2.26 4.96
O1G 0KX H . 2.38 -3.12 3.62
O2G 0KX H . 2.52 -3.10 6.30
O3G 0KX H . 0.55 -2.01 5.01
PB 0KX H . 3.90 -0.62 3.64
O1B 0KX H . 4.77 0.71 3.84
O2B 0KX H . 4.75 -1.83 3.41
O3B 0KX H . 2.96 -0.92 4.92
PA 0KX H . 2.86 -1.10 0.92
O1A 0KX H . 3.19 -2.58 1.00
O2A 0KX H . 1.29 -0.83 0.54
N3A 0KX H . 2.94 -0.12 2.37
O5' 0KX H . 3.72 -0.30 -0.19
C5' 0KX H . 5.16 -0.33 -0.22
C4' 0KX H . 5.74 1.05 -0.62
O4' 0KX H . 5.36 1.46 -2.01
C3' 0KX H . 5.24 2.19 0.30
O3' 0KX H . 6.00 2.34 1.51
C2' 0KX H . 5.41 3.40 -0.61
C1' 0KX H . 4.87 2.87 -1.95
N1 0KX H . 3.37 3.14 -2.13
C2 0KX H . 2.91 3.56 -3.34
N3 0KX H . 1.52 3.83 -3.54
C4 0KX H . 0.57 3.67 -2.49
C5 0KX H . 1.04 3.22 -1.23
C6 0KX H . 2.41 2.97 -1.07
O2 0KX H . 3.70 3.73 -4.28
N4 0KX H . -0.72 3.92 -2.72
#